data_3UL9
#
_entry.id   3UL9
#
_cell.length_a   32.030
_cell.length_b   50.760
_cell.length_c   191.880
_cell.angle_alpha   90.00
_cell.angle_beta   90.00
_cell.angle_gamma   90.00
#
_symmetry.space_group_name_H-M   'P 21 21 21'
#
loop_
_entity.id
_entity.type
_entity.pdbx_description
1 polymer 'Toll-like receptor 4, Variable lymphocyte receptor B'
2 branched beta-D-mannopyranose-(1-4)-2-acetamido-2-deoxy-beta-D-glucopyranose-(1-4)-2-acetamido-2-deoxy-beta-D-glucopyranose
3 non-polymer 2-acetamido-2-deoxy-beta-D-glucopyranose
4 non-polymer beta-L-fucopyranose
5 non-polymer 'SULFATE ION'
6 water water
#
_entity_poly.entity_id   1
_entity_poly.type   'polypeptide(L)'
_entity_poly.pdbx_seq_one_letter_code
;GSPCVEVVPNITYQCEELNFYKIPDNLPFSTKNLDLSFNPLRHLGSYSFFSFPELQVLDLSRCEIQTIEDGAYQSLSHLS
TLILTGNPIQSLALGAFSGLSSLQKLVAVETNLASLENFPIGHLKTLKELNVAHNLIQSFKLPEYFSNLTNLEHLDLSSN
KIQSIYCTDLRVLHQMPLLNLSLDLSLNPMNFIQPGAFKEIRLKELALDTNQLKSVPDGIFDRLTSLQKIWLHTNPWDCS
CPRIDYLSRWLNKNSQKEQGSAKCSGSGKPVRSIICPT
;
_entity_poly.pdbx_strand_id   A
#
loop_
_chem_comp.id
_chem_comp.type
_chem_comp.name
_chem_comp.formula
BMA D-saccharide, beta linking beta-D-mannopyranose 'C6 H12 O6'
FUL L-saccharide, beta linking beta-L-fucopyranose 'C6 H12 O5'
NAG D-saccharide, beta linking 2-acetamido-2-deoxy-beta-D-glucopyranose 'C8 H15 N O6'
SO4 non-polymer 'SULFATE ION' 'O4 S -2'
#
# COMPACT_ATOMS: atom_id res chain seq x y z
N PRO A 3 -22.47 23.30 12.44
CA PRO A 3 -22.53 22.08 11.60
C PRO A 3 -21.55 21.01 12.11
N CYS A 4 -20.26 21.21 11.85
CA CYS A 4 -19.23 20.28 12.28
C CYS A 4 -19.00 20.39 13.78
N VAL A 5 -17.92 19.79 14.26
CA VAL A 5 -17.56 19.80 15.67
C VAL A 5 -16.13 20.27 15.86
N GLU A 6 -15.97 21.50 16.34
CA GLU A 6 -14.64 22.06 16.56
C GLU A 6 -13.90 21.27 17.63
N VAL A 7 -12.71 20.79 17.26
CA VAL A 7 -11.89 20.02 18.19
C VAL A 7 -10.69 20.86 18.60
N VAL A 8 -10.20 21.65 17.65
CA VAL A 8 -9.07 22.54 17.88
C VAL A 8 -9.31 23.82 17.09
N PRO A 9 -9.52 24.94 17.80
CA PRO A 9 -9.77 26.25 17.21
C PRO A 9 -8.85 26.60 16.05
N ASN A 10 -9.48 26.90 14.91
CA ASN A 10 -8.78 27.26 13.68
C ASN A 10 -7.76 26.20 13.28
N ILE A 11 -7.98 24.96 13.70
CA ILE A 11 -7.05 23.90 13.37
C ILE A 11 -7.68 22.56 12.98
N THR A 12 -8.54 22.02 13.83
CA THR A 12 -9.17 20.74 13.56
C THR A 12 -10.68 20.73 13.80
N TYR A 13 -11.40 20.10 12.87
CA TYR A 13 -12.85 19.99 12.96
C TYR A 13 -13.34 18.62 12.48
N GLN A 14 -14.43 18.16 13.07
CA GLN A 14 -15.05 16.88 12.77
C GLN A 14 -16.37 17.09 12.01
N CYS A 15 -16.41 16.73 10.73
CA CYS A 15 -17.63 16.93 9.95
C CYS A 15 -18.30 15.67 9.43
N GLU A 16 -18.05 14.53 10.04
CA GLU A 16 -18.67 13.31 9.52
C GLU A 16 -20.10 13.11 9.98
N GLU A 17 -20.83 12.26 9.25
CA GLU A 17 -22.22 11.95 9.57
C GLU A 17 -23.06 13.22 9.72
N LEU A 18 -23.04 14.07 8.69
CA LEU A 18 -23.79 15.32 8.72
C LEU A 18 -24.62 15.49 7.46
N ASN A 19 -24.50 14.52 6.55
CA ASN A 19 -25.23 14.53 5.29
C ASN A 19 -24.82 15.69 4.39
N PHE A 20 -23.51 15.78 4.10
CA PHE A 20 -22.98 16.83 3.24
C PHE A 20 -22.75 16.29 1.83
N TYR A 21 -22.94 17.14 0.83
CA TYR A 21 -22.71 16.72 -0.55
C TYR A 21 -21.62 17.62 -1.11
N LYS A 22 -21.37 18.71 -0.40
CA LYS A 22 -20.36 19.66 -0.83
C LYS A 22 -19.46 20.01 0.35
N ILE A 23 -18.25 20.49 0.05
CA ILE A 23 -17.30 20.86 1.09
C ILE A 23 -17.82 22.08 1.84
N PRO A 24 -17.83 22.02 3.19
CA PRO A 24 -18.31 23.14 3.99
C PRO A 24 -17.49 24.42 3.81
N ASP A 25 -18.16 25.56 3.87
CA ASP A 25 -17.53 26.87 3.72
C ASP A 25 -17.47 27.64 5.04
N ASN A 26 -18.38 27.31 5.96
CA ASN A 26 -18.42 27.97 7.25
C ASN A 26 -17.38 27.42 8.21
N LEU A 27 -16.14 27.34 7.72
CA LEU A 27 -15.03 26.84 8.53
C LEU A 27 -13.79 27.71 8.32
N PRO A 28 -13.06 28.00 9.41
CA PRO A 28 -11.84 28.82 9.39
C PRO A 28 -10.90 28.42 8.27
N PHE A 29 -10.45 29.42 7.51
CA PHE A 29 -9.56 29.21 6.39
C PHE A 29 -8.13 28.85 6.78
N SER A 30 -7.96 28.52 8.06
CA SER A 30 -6.66 28.15 8.60
C SER A 30 -6.65 26.67 8.96
N THR A 31 -7.82 26.03 8.82
CA THR A 31 -7.97 24.60 9.14
C THR A 31 -6.77 23.81 8.63
N LYS A 32 -6.28 22.91 9.48
CA LYS A 32 -5.13 22.08 9.13
C LYS A 32 -5.58 20.64 8.95
N ASN A 33 -6.63 20.26 9.70
CA ASN A 33 -7.14 18.90 9.68
C ASN A 33 -8.66 18.86 9.57
N LEU A 34 -9.15 18.18 8.54
CA LEU A 34 -10.57 18.07 8.30
C LEU A 34 -11.00 16.62 8.10
N ASP A 35 -12.02 16.21 8.86
CA ASP A 35 -12.54 14.84 8.77
C ASP A 35 -13.94 14.92 8.16
N LEU A 36 -14.02 14.65 6.85
CA LEU A 36 -15.30 14.71 6.14
C LEU A 36 -15.89 13.33 5.87
N SER A 37 -15.31 12.31 6.48
CA SER A 37 -15.76 10.94 6.32
C SER A 37 -17.27 10.77 6.51
N PHE A 38 -17.81 9.68 5.93
CA PHE A 38 -19.22 9.35 6.00
C PHE A 38 -20.18 10.47 5.58
N ASN A 39 -19.90 11.03 4.41
CA ASN A 39 -20.71 12.09 3.85
C ASN A 39 -20.82 11.87 2.35
N PRO A 40 -22.06 11.80 1.84
CA PRO A 40 -22.34 11.59 0.41
C PRO A 40 -21.88 12.72 -0.49
N LEU A 41 -20.57 12.88 -0.64
CA LEU A 41 -20.02 13.93 -1.50
C LEU A 41 -20.27 13.57 -2.97
N ARG A 42 -20.31 12.27 -3.27
CA ARG A 42 -20.57 11.79 -4.63
C ARG A 42 -19.51 12.11 -5.68
N HIS A 43 -19.13 13.38 -5.81
CA HIS A 43 -18.15 13.79 -6.81
C HIS A 43 -17.25 14.88 -6.28
N LEU A 44 -16.06 14.98 -6.85
CA LEU A 44 -15.12 16.02 -6.45
C LEU A 44 -14.63 16.70 -7.71
N GLY A 45 -15.06 17.95 -7.88
CA GLY A 45 -14.67 18.73 -9.04
C GLY A 45 -13.33 19.38 -8.82
N SER A 46 -12.98 20.32 -9.68
CA SER A 46 -11.70 21.02 -9.56
C SER A 46 -11.80 21.99 -8.42
N TYR A 47 -10.67 22.19 -7.74
CA TYR A 47 -10.57 23.09 -6.59
C TYR A 47 -11.64 22.85 -5.53
N SER A 48 -12.04 21.59 -5.33
CA SER A 48 -13.06 21.28 -4.35
C SER A 48 -12.66 21.73 -2.93
N PHE A 49 -11.36 21.94 -2.74
CA PHE A 49 -10.83 22.35 -1.44
C PHE A 49 -10.04 23.63 -1.68
N PHE A 50 -10.74 24.72 -1.97
CA PHE A 50 -10.06 25.98 -2.24
C PHE A 50 -9.97 26.85 -0.99
N SER A 51 -10.99 26.79 -0.16
CA SER A 51 -11.03 27.57 1.07
C SER A 51 -10.17 26.94 2.17
N PHE A 52 -9.32 25.98 1.79
CA PHE A 52 -8.48 25.29 2.76
C PHE A 52 -7.01 25.21 2.31
N PRO A 53 -6.38 26.37 2.16
CA PRO A 53 -4.97 26.45 1.74
C PRO A 53 -4.01 25.99 2.85
N GLU A 54 -4.55 25.77 4.04
CA GLU A 54 -3.75 25.34 5.19
C GLU A 54 -3.98 23.88 5.58
N LEU A 55 -4.57 23.09 4.67
CA LEU A 55 -4.84 21.67 4.95
C LEU A 55 -3.61 20.78 4.94
N GLN A 56 -3.50 19.97 6.00
CA GLN A 56 -2.39 19.05 6.12
C GLN A 56 -2.91 17.63 6.18
N VAL A 57 -4.11 17.47 6.72
CA VAL A 57 -4.73 16.16 6.83
C VAL A 57 -6.20 16.21 6.43
N LEU A 58 -6.55 15.40 5.44
CA LEU A 58 -7.91 15.33 4.91
C LEU A 58 -8.45 13.89 4.87
N ASP A 59 -9.50 13.64 5.62
CA ASP A 59 -10.12 12.33 5.68
C ASP A 59 -11.47 12.36 4.93
N LEU A 60 -11.53 11.61 3.83
CA LEU A 60 -12.71 11.53 2.98
C LEU A 60 -13.28 10.12 2.96
N SER A 61 -12.83 9.27 3.89
CA SER A 61 -13.30 7.89 3.96
C SER A 61 -14.80 7.72 3.83
N ARG A 62 -15.20 6.75 3.02
CA ARG A 62 -16.61 6.41 2.84
C ARG A 62 -17.46 7.65 2.60
N CYS A 63 -17.22 8.31 1.48
CA CYS A 63 -17.98 9.50 1.14
C CYS A 63 -18.75 9.31 -0.16
N GLU A 64 -18.99 8.05 -0.50
CA GLU A 64 -19.73 7.70 -1.70
C GLU A 64 -19.18 8.35 -2.96
N ILE A 65 -17.90 8.69 -2.94
CA ILE A 65 -17.27 9.34 -4.07
C ILE A 65 -17.04 8.41 -5.27
N GLN A 66 -17.63 8.80 -6.41
CA GLN A 66 -17.51 8.04 -7.64
C GLN A 66 -16.48 8.61 -8.61
N THR A 67 -16.26 9.91 -8.59
CA THR A 67 -15.28 10.47 -9.52
C THR A 67 -14.50 11.63 -8.92
N ILE A 68 -13.24 11.73 -9.31
CA ILE A 68 -12.42 12.83 -8.84
C ILE A 68 -11.90 13.41 -10.14
N GLU A 69 -12.33 14.64 -10.43
CA GLU A 69 -11.93 15.31 -11.66
C GLU A 69 -10.51 15.83 -11.60
N ASP A 70 -10.04 16.36 -12.72
CA ASP A 70 -8.70 16.91 -12.81
C ASP A 70 -8.61 18.15 -11.92
N GLY A 71 -7.56 18.21 -11.10
CA GLY A 71 -7.34 19.34 -10.21
C GLY A 71 -8.29 19.42 -9.04
N ALA A 72 -8.72 18.28 -8.52
CA ALA A 72 -9.64 18.27 -7.40
C ALA A 72 -9.05 18.87 -6.13
N TYR A 73 -7.76 18.63 -5.91
CA TYR A 73 -7.05 19.15 -4.74
C TYR A 73 -5.95 20.10 -5.18
N GLN A 74 -6.16 20.71 -6.34
CA GLN A 74 -5.20 21.63 -6.95
C GLN A 74 -4.61 22.64 -5.99
N SER A 75 -5.44 23.14 -5.09
CA SER A 75 -5.01 24.13 -4.12
C SER A 75 -4.20 23.55 -2.95
N LEU A 76 -4.64 22.42 -2.42
CA LEU A 76 -3.97 21.80 -1.28
C LEU A 76 -2.51 21.49 -1.56
N SER A 77 -1.66 22.49 -1.34
CA SER A 77 -0.23 22.33 -1.58
C SER A 77 0.54 21.93 -0.33
N HIS A 78 -0.11 22.01 0.83
CA HIS A 78 0.53 21.64 2.09
C HIS A 78 -0.03 20.35 2.72
N LEU A 79 -0.98 19.71 2.02
CA LEU A 79 -1.60 18.48 2.50
C LEU A 79 -0.57 17.35 2.53
N SER A 80 -0.39 16.74 3.69
CA SER A 80 0.58 15.67 3.81
C SER A 80 -0.12 14.31 3.87
N THR A 81 -1.33 14.28 4.41
CA THR A 81 -2.09 13.03 4.50
C THR A 81 -3.46 13.12 3.88
N LEU A 82 -3.77 12.19 2.98
CA LEU A 82 -5.08 12.11 2.34
C LEU A 82 -5.62 10.69 2.47
N ILE A 83 -6.81 10.56 3.04
CA ILE A 83 -7.47 9.27 3.24
C ILE A 83 -8.73 9.23 2.40
N LEU A 84 -8.79 8.27 1.48
CA LEU A 84 -9.93 8.09 0.57
C LEU A 84 -10.58 6.73 0.69
N THR A 85 -10.29 6.06 1.80
CA THR A 85 -10.81 4.73 2.11
C THR A 85 -12.32 4.54 1.97
N GLY A 86 -12.70 3.47 1.30
CA GLY A 86 -14.11 3.13 1.13
C GLY A 86 -14.93 3.88 0.11
N ASN A 87 -14.27 4.57 -0.80
CA ASN A 87 -15.02 5.29 -1.83
C ASN A 87 -15.02 4.46 -3.08
N PRO A 88 -16.22 4.24 -3.63
CA PRO A 88 -16.39 3.46 -4.85
C PRO A 88 -15.96 4.23 -6.08
N ILE A 89 -14.67 4.56 -6.16
CA ILE A 89 -14.17 5.31 -7.29
C ILE A 89 -14.34 4.53 -8.60
N GLN A 90 -15.16 5.07 -9.50
CA GLN A 90 -15.41 4.44 -10.79
C GLN A 90 -14.70 5.22 -11.87
N SER A 91 -14.00 6.27 -11.48
CA SER A 91 -13.27 7.11 -12.43
C SER A 91 -12.33 8.06 -11.73
N LEU A 92 -11.06 8.01 -12.13
CA LEU A 92 -10.04 8.86 -11.54
C LEU A 92 -9.28 9.61 -12.64
N ALA A 93 -9.52 10.91 -12.69
CA ALA A 93 -8.89 11.79 -13.67
C ALA A 93 -7.36 11.77 -13.62
N LEU A 94 -6.76 11.92 -14.79
CA LEU A 94 -5.31 11.94 -14.94
C LEU A 94 -4.63 12.93 -13.97
N GLY A 95 -5.29 14.05 -13.72
CA GLY A 95 -4.73 15.06 -12.82
C GLY A 95 -5.44 15.18 -11.48
N ALA A 96 -6.22 14.15 -11.14
CA ALA A 96 -6.97 14.13 -9.89
C ALA A 96 -6.11 14.50 -8.68
N PHE A 97 -4.84 14.13 -8.72
CA PHE A 97 -3.98 14.44 -7.58
C PHE A 97 -3.03 15.59 -7.86
N SER A 98 -3.43 16.46 -8.77
CA SER A 98 -2.60 17.61 -9.10
C SER A 98 -2.60 18.64 -7.98
N GLY A 99 -1.40 19.11 -7.64
CA GLY A 99 -1.27 20.11 -6.59
C GLY A 99 -0.77 19.58 -5.27
N LEU A 100 -0.87 18.27 -5.11
CA LEU A 100 -0.45 17.61 -3.87
C LEU A 100 1.08 17.42 -3.87
N SER A 101 1.79 18.53 -3.76
CA SER A 101 3.25 18.53 -3.77
C SER A 101 3.89 18.35 -2.39
N SER A 102 3.11 17.91 -1.41
CA SER A 102 3.61 17.67 -0.06
C SER A 102 2.95 16.42 0.54
N LEU A 103 2.26 15.65 -0.29
CA LEU A 103 1.57 14.46 0.20
C LEU A 103 2.55 13.37 0.59
N GLN A 104 2.52 12.98 1.86
CA GLN A 104 3.42 11.94 2.32
C GLN A 104 2.68 10.62 2.52
N LYS A 105 1.40 10.70 2.85
CA LYS A 105 0.63 9.50 3.06
C LYS A 105 -0.67 9.49 2.26
N LEU A 106 -0.79 8.52 1.35
CA LEU A 106 -1.99 8.38 0.53
C LEU A 106 -2.67 7.05 0.88
N VAL A 107 -3.85 7.12 1.47
CA VAL A 107 -4.57 5.91 1.84
C VAL A 107 -5.75 5.72 0.90
N ALA A 108 -5.70 4.67 0.09
CA ALA A 108 -6.76 4.38 -0.88
C ALA A 108 -7.23 2.93 -0.79
N VAL A 109 -7.52 2.50 0.42
CA VAL A 109 -8.01 1.15 0.66
C VAL A 109 -9.48 1.06 0.23
N GLU A 110 -9.85 -0.01 -0.46
CA GLU A 110 -11.23 -0.21 -0.92
C GLU A 110 -11.75 0.92 -1.78
N THR A 111 -11.12 1.14 -2.92
CA THR A 111 -11.53 2.22 -3.80
C THR A 111 -11.65 1.66 -5.22
N ASN A 112 -11.99 0.37 -5.31
CA ASN A 112 -12.12 -0.34 -6.58
C ASN A 112 -10.95 -0.06 -7.51
N LEU A 113 -9.74 -0.10 -6.96
CA LEU A 113 -8.54 0.12 -7.73
C LEU A 113 -8.21 -1.21 -8.41
N ALA A 114 -8.12 -1.20 -9.73
CA ALA A 114 -7.84 -2.40 -10.49
C ALA A 114 -6.41 -2.50 -11.00
N SER A 115 -5.73 -1.37 -11.11
CA SER A 115 -4.35 -1.36 -11.57
C SER A 115 -3.60 -0.15 -11.04
N LEU A 116 -2.28 -0.26 -11.04
CA LEU A 116 -1.39 0.79 -10.59
C LEU A 116 -0.91 1.60 -11.77
N GLU A 117 -1.19 1.13 -12.98
CA GLU A 117 -0.78 1.82 -14.20
C GLU A 117 -1.53 3.13 -14.37
N ASN A 118 -2.86 3.06 -14.25
CA ASN A 118 -3.72 4.24 -14.41
C ASN A 118 -3.88 5.03 -13.10
N PHE A 119 -2.97 4.83 -12.16
CA PHE A 119 -3.05 5.53 -10.88
C PHE A 119 -2.14 6.76 -10.95
N PRO A 120 -2.74 7.96 -11.15
CA PRO A 120 -2.04 9.25 -11.26
C PRO A 120 -1.31 9.72 -10.01
N ILE A 121 -0.29 8.99 -9.61
CA ILE A 121 0.47 9.34 -8.41
C ILE A 121 1.95 9.51 -8.74
N GLY A 122 2.29 9.33 -10.00
CA GLY A 122 3.67 9.44 -10.46
C GLY A 122 4.34 10.78 -10.22
N HIS A 123 3.54 11.77 -9.81
CA HIS A 123 4.04 13.13 -9.56
C HIS A 123 4.28 13.40 -8.07
N LEU A 124 3.70 12.56 -7.21
CA LEU A 124 3.85 12.74 -5.77
C LEU A 124 5.21 12.23 -5.27
N LYS A 125 6.29 12.76 -5.83
CA LYS A 125 7.64 12.34 -5.44
C LYS A 125 7.89 12.38 -3.94
N THR A 126 7.09 13.14 -3.21
CA THR A 126 7.26 13.22 -1.77
C THR A 126 6.57 12.05 -1.03
N LEU A 127 5.74 11.30 -1.76
CA LEU A 127 5.00 10.18 -1.15
C LEU A 127 5.89 9.19 -0.39
N LYS A 128 5.48 8.89 0.85
CA LYS A 128 6.22 7.97 1.69
C LYS A 128 5.45 6.68 1.97
N GLU A 129 4.14 6.81 2.16
CA GLU A 129 3.29 5.66 2.40
C GLU A 129 2.12 5.62 1.42
N LEU A 130 1.98 4.49 0.72
CA LEU A 130 0.90 4.26 -0.24
C LEU A 130 0.20 2.98 0.21
N ASN A 131 -1.03 3.12 0.70
CA ASN A 131 -1.80 1.97 1.18
C ASN A 131 -2.95 1.74 0.20
N VAL A 132 -2.85 0.71 -0.63
CA VAL A 132 -3.94 0.39 -1.55
C VAL A 132 -4.42 -1.03 -1.26
N ALA A 133 -4.46 -1.39 0.03
CA ALA A 133 -4.93 -2.69 0.46
C ALA A 133 -6.44 -2.79 0.15
N HIS A 134 -6.94 -4.02 0.05
CA HIS A 134 -8.35 -4.30 -0.25
C HIS A 134 -8.82 -3.74 -1.57
N ASN A 135 -8.10 -4.08 -2.64
CA ASN A 135 -8.47 -3.62 -3.96
C ASN A 135 -8.52 -4.75 -4.98
N LEU A 136 -8.62 -4.42 -6.25
CA LEU A 136 -8.73 -5.42 -7.31
C LEU A 136 -7.46 -5.51 -8.15
N ILE A 137 -6.34 -5.14 -7.55
CA ILE A 137 -5.08 -5.17 -8.27
C ILE A 137 -4.69 -6.63 -8.57
N GLN A 138 -4.49 -6.93 -9.84
CA GLN A 138 -4.15 -8.28 -10.22
C GLN A 138 -2.67 -8.49 -10.55
N SER A 139 -1.95 -7.40 -10.74
CA SER A 139 -0.54 -7.50 -11.09
C SER A 139 0.36 -6.76 -10.09
N PHE A 140 1.53 -7.35 -9.81
CA PHE A 140 2.47 -6.71 -8.91
C PHE A 140 3.50 -5.93 -9.74
N LYS A 141 3.22 -5.81 -11.04
CA LYS A 141 4.10 -5.08 -11.96
C LYS A 141 4.07 -3.61 -11.58
N LEU A 142 5.16 -3.14 -10.97
CA LEU A 142 5.24 -1.73 -10.56
C LEU A 142 5.47 -0.80 -11.76
N PRO A 143 4.50 0.09 -12.05
CA PRO A 143 4.61 1.05 -13.17
C PRO A 143 5.93 1.79 -13.14
N GLU A 144 6.42 2.20 -14.31
CA GLU A 144 7.70 2.92 -14.37
C GLU A 144 7.73 4.20 -13.52
N TYR A 145 6.60 4.89 -13.43
CA TYR A 145 6.53 6.14 -12.65
C TYR A 145 6.98 5.99 -11.20
N PHE A 146 7.16 4.75 -10.77
CA PHE A 146 7.61 4.46 -9.41
C PHE A 146 9.09 4.79 -9.27
N SER A 147 9.73 5.15 -10.39
CA SER A 147 11.14 5.51 -10.39
C SER A 147 11.36 6.91 -9.82
N ASN A 148 10.28 7.71 -9.77
CA ASN A 148 10.37 9.07 -9.24
C ASN A 148 9.94 9.14 -7.78
N LEU A 149 9.25 8.11 -7.30
CA LEU A 149 8.82 8.10 -5.90
C LEU A 149 10.03 7.62 -5.10
N THR A 150 11.05 8.47 -5.02
CA THR A 150 12.27 8.10 -4.31
C THR A 150 12.22 8.32 -2.81
N ASN A 151 11.00 8.43 -2.29
CA ASN A 151 10.81 8.61 -0.86
C ASN A 151 9.89 7.54 -0.28
N LEU A 152 9.27 6.75 -1.15
CA LEU A 152 8.38 5.70 -0.70
C LEU A 152 9.09 4.65 0.18
N GLU A 153 8.57 4.44 1.39
CA GLU A 153 9.13 3.46 2.33
C GLU A 153 8.09 2.43 2.78
N HIS A 154 6.83 2.71 2.49
CA HIS A 154 5.76 1.80 2.84
C HIS A 154 4.83 1.60 1.66
N LEU A 155 4.65 0.34 1.27
CA LEU A 155 3.78 -0.02 0.16
C LEU A 155 2.93 -1.20 0.57
N ASP A 156 1.66 -0.96 0.85
CA ASP A 156 0.78 -2.03 1.25
C ASP A 156 -0.16 -2.48 0.12
N LEU A 157 0.09 -3.67 -0.41
CA LEU A 157 -0.72 -4.24 -1.49
C LEU A 157 -1.45 -5.49 -1.02
N SER A 158 -1.77 -5.53 0.26
CA SER A 158 -2.44 -6.70 0.83
C SER A 158 -3.91 -6.75 0.48
N SER A 159 -4.42 -7.98 0.42
CA SER A 159 -5.83 -8.21 0.12
C SER A 159 -6.22 -7.65 -1.23
N ASN A 160 -5.54 -8.10 -2.26
CA ASN A 160 -5.83 -7.69 -3.63
C ASN A 160 -5.99 -9.01 -4.42
N LYS A 161 -5.63 -9.04 -5.69
CA LYS A 161 -5.79 -10.27 -6.45
C LYS A 161 -4.50 -10.66 -7.11
N ILE A 162 -3.40 -10.44 -6.42
CA ILE A 162 -2.08 -10.78 -6.96
C ILE A 162 -1.84 -12.28 -6.84
N GLN A 163 -1.49 -12.90 -7.96
CA GLN A 163 -1.25 -14.34 -8.01
C GLN A 163 0.20 -14.70 -8.23
N SER A 164 1.03 -13.74 -8.61
CA SER A 164 2.42 -14.04 -8.85
C SER A 164 3.37 -12.88 -8.61
N ILE A 165 4.65 -13.20 -8.57
CA ILE A 165 5.69 -12.22 -8.37
C ILE A 165 6.81 -12.54 -9.35
N TYR A 166 6.85 -11.85 -10.48
CA TYR A 166 7.88 -12.09 -11.49
C TYR A 166 9.08 -11.17 -11.28
N CYS A 167 10.23 -11.51 -11.86
CA CYS A 167 11.45 -10.70 -11.71
C CYS A 167 11.24 -9.30 -12.26
N THR A 168 10.42 -9.20 -13.31
CA THR A 168 10.18 -7.90 -13.93
C THR A 168 9.38 -6.97 -13.02
N ASP A 169 8.55 -7.53 -12.16
CA ASP A 169 7.71 -6.74 -11.26
C ASP A 169 8.44 -5.64 -10.49
N LEU A 170 9.62 -5.96 -9.97
CA LEU A 170 10.38 -4.98 -9.21
C LEU A 170 11.52 -4.35 -10.01
N ARG A 171 11.42 -4.38 -11.33
CA ARG A 171 12.48 -3.81 -12.17
C ARG A 171 12.76 -2.35 -11.82
N VAL A 172 11.70 -1.56 -11.68
CA VAL A 172 11.81 -0.14 -11.35
C VAL A 172 12.67 0.16 -10.11
N LEU A 173 12.63 -0.72 -9.12
CA LEU A 173 13.40 -0.50 -7.89
C LEU A 173 14.89 -0.80 -8.05
N HIS A 174 15.51 -0.22 -9.08
CA HIS A 174 16.93 -0.43 -9.32
C HIS A 174 17.53 0.86 -9.83
N GLN A 175 16.71 1.90 -9.90
CA GLN A 175 17.16 3.17 -10.43
C GLN A 175 16.96 4.31 -9.45
N MET A 176 16.53 4.01 -8.23
CA MET A 176 16.27 5.07 -7.27
C MET A 176 17.39 5.64 -6.39
N PRO A 177 17.76 4.98 -5.26
CA PRO A 177 17.41 3.75 -4.54
C PRO A 177 16.25 3.93 -3.57
N LEU A 178 16.13 2.99 -2.63
CA LEU A 178 15.09 3.04 -1.61
C LEU A 178 15.52 2.35 -0.32
N LEU A 179 16.11 3.16 0.55
CA LEU A 179 16.63 2.76 1.85
C LEU A 179 15.81 1.69 2.59
N ASN A 180 14.83 2.13 3.35
CA ASN A 180 13.98 1.24 4.14
C ASN A 180 12.56 1.10 3.57
N LEU A 181 12.36 0.12 2.72
CA LEU A 181 11.03 -0.07 2.14
C LEU A 181 10.33 -1.29 2.72
N SER A 182 9.21 -1.04 3.36
CA SER A 182 8.40 -2.09 3.96
C SER A 182 7.33 -2.46 2.93
N LEU A 183 7.34 -3.72 2.49
CA LEU A 183 6.40 -4.21 1.47
C LEU A 183 5.44 -5.28 1.95
N ASP A 184 4.15 -4.95 1.92
CA ASP A 184 3.14 -5.90 2.34
C ASP A 184 2.34 -6.40 1.12
N LEU A 185 2.34 -7.73 0.95
CA LEU A 185 1.66 -8.43 -0.14
C LEU A 185 0.92 -9.64 0.42
N SER A 186 0.55 -9.55 1.69
CA SER A 186 -0.16 -10.64 2.35
C SER A 186 -1.62 -10.67 1.92
N LEU A 187 -2.30 -11.76 2.29
CA LEU A 187 -3.71 -11.98 1.96
C LEU A 187 -4.00 -11.83 0.47
N ASN A 188 -3.15 -12.43 -0.35
CA ASN A 188 -3.31 -12.39 -1.79
C ASN A 188 -3.37 -13.81 -2.37
N PRO A 189 -4.14 -13.99 -3.44
CA PRO A 189 -4.24 -15.33 -4.04
C PRO A 189 -2.91 -15.65 -4.74
N MET A 190 -1.79 -15.38 -4.05
CA MET A 190 -0.45 -15.62 -4.62
C MET A 190 -0.01 -17.08 -4.42
N ASN A 191 0.31 -17.75 -5.52
CA ASN A 191 0.77 -19.13 -5.46
C ASN A 191 2.05 -19.33 -6.27
N PHE A 192 2.70 -18.26 -6.66
CA PHE A 192 3.94 -18.39 -7.39
C PHE A 192 4.83 -17.17 -7.27
N ILE A 193 6.13 -17.42 -7.15
CA ILE A 193 7.13 -16.39 -7.09
C ILE A 193 8.25 -16.85 -8.03
N GLN A 194 8.73 -15.95 -8.88
CA GLN A 194 9.77 -16.31 -9.84
C GLN A 194 11.18 -16.15 -9.25
N PRO A 195 12.09 -17.06 -9.60
CA PRO A 195 13.47 -17.00 -9.08
C PRO A 195 14.15 -15.62 -9.20
N GLY A 196 14.88 -15.25 -8.15
CA GLY A 196 15.55 -13.96 -8.14
C GLY A 196 14.64 -12.76 -8.22
N ALA A 197 13.33 -12.95 -8.01
CA ALA A 197 12.38 -11.84 -8.08
C ALA A 197 12.78 -10.71 -7.14
N PHE A 198 13.54 -11.04 -6.11
CA PHE A 198 13.98 -10.03 -5.15
C PHE A 198 15.49 -9.78 -5.25
N LYS A 199 16.05 -9.97 -6.45
CA LYS A 199 17.48 -9.77 -6.67
C LYS A 199 17.81 -8.29 -6.77
N GLU A 200 18.91 -7.89 -6.12
CA GLU A 200 19.34 -6.49 -6.11
C GLU A 200 18.30 -5.57 -5.49
N ILE A 201 17.38 -6.17 -4.72
CA ILE A 201 16.31 -5.43 -4.06
C ILE A 201 16.62 -5.22 -2.58
N ARG A 202 16.28 -4.05 -2.06
CA ARG A 202 16.54 -3.74 -0.65
C ARG A 202 15.24 -3.54 0.09
N LEU A 203 14.87 -4.56 0.88
CA LEU A 203 13.64 -4.53 1.65
C LEU A 203 13.90 -4.68 3.16
N LYS A 204 13.20 -3.89 3.95
CA LYS A 204 13.33 -3.94 5.40
C LYS A 204 12.27 -4.89 5.94
N GLU A 205 11.09 -4.87 5.34
CA GLU A 205 10.02 -5.75 5.77
C GLU A 205 9.33 -6.35 4.56
N LEU A 206 9.00 -7.63 4.67
CA LEU A 206 8.33 -8.36 3.59
C LEU A 206 7.18 -9.18 4.17
N ALA A 207 5.96 -8.86 3.74
CA ALA A 207 4.79 -9.61 4.21
C ALA A 207 4.27 -10.46 3.07
N LEU A 208 4.35 -11.77 3.27
CA LEU A 208 3.88 -12.71 2.28
C LEU A 208 3.01 -13.77 2.97
N ASP A 209 2.51 -13.44 4.15
CA ASP A 209 1.67 -14.40 4.88
C ASP A 209 0.24 -14.50 4.34
N THR A 210 -0.40 -15.62 4.65
CA THR A 210 -1.79 -15.88 4.29
C THR A 210 -2.12 -15.76 2.79
N ASN A 211 -1.25 -16.37 1.98
CA ASN A 211 -1.39 -16.39 0.53
C ASN A 211 -1.65 -17.85 0.11
N GLN A 212 -1.22 -18.25 -1.09
CA GLN A 212 -1.42 -19.62 -1.56
C GLN A 212 -0.08 -20.24 -1.92
N LEU A 213 0.96 -19.88 -1.20
CA LEU A 213 2.30 -20.39 -1.48
C LEU A 213 2.62 -21.82 -0.99
N LYS A 214 3.13 -22.67 -1.87
CA LYS A 214 3.48 -24.04 -1.50
C LYS A 214 4.99 -24.22 -1.48
N SER A 215 5.68 -23.33 -2.16
CA SER A 215 7.12 -23.39 -2.22
C SER A 215 7.63 -22.08 -2.81
N VAL A 216 8.93 -21.84 -2.67
CA VAL A 216 9.56 -20.64 -3.21
C VAL A 216 10.90 -21.01 -3.84
N PRO A 217 11.31 -20.28 -4.89
CA PRO A 217 12.59 -20.53 -5.58
C PRO A 217 13.77 -20.56 -4.61
N ASP A 218 14.73 -21.45 -4.85
CA ASP A 218 15.90 -21.55 -3.99
C ASP A 218 16.71 -20.27 -4.04
N GLY A 219 17.23 -19.83 -2.89
CA GLY A 219 18.00 -18.61 -2.85
C GLY A 219 17.18 -17.39 -3.21
N ILE A 220 15.85 -17.50 -3.09
CA ILE A 220 14.96 -16.39 -3.40
C ILE A 220 15.27 -15.20 -2.50
N PHE A 221 15.70 -15.48 -1.27
CA PHE A 221 16.02 -14.43 -0.33
C PHE A 221 17.50 -14.23 -0.12
N ASP A 222 18.32 -14.64 -1.08
CA ASP A 222 19.78 -14.48 -0.97
C ASP A 222 20.18 -13.02 -0.74
N ARG A 223 19.97 -12.20 -1.76
CA ARG A 223 20.29 -10.77 -1.71
C ARG A 223 19.27 -10.00 -0.90
N LEU A 224 19.46 -9.96 0.41
CA LEU A 224 18.55 -9.25 1.31
C LEU A 224 19.10 -9.25 2.73
N THR A 225 20.02 -8.32 3.00
CA THR A 225 20.61 -8.20 4.32
C THR A 225 19.95 -7.04 5.07
N SER A 226 19.12 -6.28 4.37
CA SER A 226 18.42 -5.15 4.94
C SER A 226 17.13 -5.63 5.58
N LEU A 227 16.83 -6.91 5.36
CA LEU A 227 15.61 -7.51 5.88
C LEU A 227 15.61 -7.65 7.40
N GLN A 228 14.59 -7.08 8.03
CA GLN A 228 14.48 -7.13 9.48
C GLN A 228 13.28 -7.93 9.96
N LYS A 229 12.24 -7.98 9.13
CA LYS A 229 11.03 -8.71 9.46
C LYS A 229 10.47 -9.36 8.19
N ILE A 230 9.90 -10.54 8.35
CA ILE A 230 9.31 -11.25 7.23
C ILE A 230 8.20 -12.18 7.69
N TRP A 231 7.06 -12.09 7.02
CA TRP A 231 5.90 -12.92 7.32
C TRP A 231 5.70 -13.93 6.20
N LEU A 232 5.51 -15.18 6.59
CA LEU A 232 5.35 -16.27 5.64
C LEU A 232 4.36 -17.31 6.17
N HIS A 233 3.97 -17.12 7.43
CA HIS A 233 3.04 -18.00 8.11
C HIS A 233 1.70 -18.13 7.37
N THR A 234 0.88 -19.11 7.74
CA THR A 234 -0.42 -19.36 7.11
C THR A 234 -0.31 -19.52 5.56
N ASN A 235 0.59 -20.38 5.09
CA ASN A 235 0.74 -20.70 3.66
C ASN A 235 0.90 -22.22 3.57
N PRO A 236 0.28 -22.85 2.55
CA PRO A 236 0.34 -24.30 2.33
C PRO A 236 1.71 -24.85 1.99
N TRP A 237 2.70 -24.58 2.84
CA TRP A 237 4.06 -25.07 2.56
C TRP A 237 4.16 -26.59 2.38
N ASP A 238 4.86 -26.99 1.31
CA ASP A 238 5.11 -28.38 0.97
C ASP A 238 6.47 -28.74 1.56
N CYS A 239 6.48 -29.43 2.70
CA CYS A 239 7.74 -29.76 3.36
C CYS A 239 8.45 -31.02 2.90
N SER A 240 8.13 -31.46 1.69
CA SER A 240 8.79 -32.62 1.14
C SER A 240 10.18 -32.16 0.74
N CYS A 241 11.16 -33.03 0.98
CA CYS A 241 12.54 -32.74 0.66
C CYS A 241 12.89 -33.30 -0.71
N PRO A 242 13.84 -32.69 -1.41
CA PRO A 242 14.58 -31.50 -0.96
C PRO A 242 13.96 -30.16 -1.37
N ARG A 243 12.69 -30.18 -1.74
CA ARG A 243 12.01 -28.95 -2.15
C ARG A 243 12.02 -27.87 -1.07
N ILE A 244 11.66 -28.26 0.14
CA ILE A 244 11.60 -27.31 1.24
C ILE A 244 12.97 -27.13 1.92
N ASP A 245 14.01 -27.70 1.33
CA ASP A 245 15.36 -27.61 1.88
C ASP A 245 15.84 -26.17 2.16
N TYR A 246 15.97 -25.39 1.09
CA TYR A 246 16.41 -23.99 1.19
C TYR A 246 15.63 -23.12 2.18
N LEU A 247 14.30 -23.21 2.13
CA LEU A 247 13.47 -22.39 3.00
C LEU A 247 13.53 -22.83 4.47
N SER A 248 13.61 -24.14 4.71
CA SER A 248 13.68 -24.62 6.09
C SER A 248 14.97 -24.14 6.74
N ARG A 249 16.08 -24.28 6.03
CA ARG A 249 17.39 -23.85 6.52
C ARG A 249 17.37 -22.36 6.79
N TRP A 250 16.84 -21.60 5.83
CA TRP A 250 16.76 -20.15 5.96
C TRP A 250 15.89 -19.69 7.14
N LEU A 251 14.66 -20.19 7.23
CA LEU A 251 13.77 -19.76 8.31
C LEU A 251 14.32 -20.10 9.70
N ASN A 252 15.05 -21.21 9.78
CA ASN A 252 15.63 -21.62 11.05
C ASN A 252 16.85 -20.77 11.37
N LYS A 253 17.63 -20.46 10.33
CA LYS A 253 18.82 -19.66 10.49
C LYS A 253 18.49 -18.17 10.41
N ASN A 254 17.23 -17.82 10.64
CA ASN A 254 16.77 -16.42 10.62
C ASN A 254 15.49 -16.26 11.42
N SER A 255 15.32 -17.13 12.40
CA SER A 255 14.15 -17.12 13.28
C SER A 255 13.80 -15.76 13.86
N GLN A 256 14.82 -14.92 14.07
CA GLN A 256 14.62 -13.58 14.64
C GLN A 256 13.74 -12.72 13.72
N LYS A 257 14.17 -12.63 12.45
CA LYS A 257 13.47 -11.86 11.44
C LYS A 257 12.02 -12.33 11.24
N GLU A 258 11.85 -13.61 10.93
CA GLU A 258 10.53 -14.19 10.69
C GLU A 258 9.50 -13.85 11.76
N GLN A 259 8.36 -13.37 11.31
CA GLN A 259 7.25 -13.00 12.17
C GLN A 259 6.18 -14.07 12.03
N GLY A 260 5.75 -14.61 13.16
CA GLY A 260 4.76 -15.66 13.13
C GLY A 260 5.51 -16.93 12.84
N SER A 261 4.82 -17.90 12.24
CA SER A 261 5.49 -19.16 11.97
C SER A 261 4.98 -19.94 10.77
N ALA A 262 5.86 -20.08 9.78
CA ALA A 262 5.52 -20.84 8.57
C ALA A 262 5.42 -22.31 8.93
N LYS A 263 4.24 -22.90 8.71
CA LYS A 263 3.98 -24.31 9.04
C LYS A 263 3.76 -25.19 7.81
N CYS A 264 4.16 -26.45 7.95
CA CYS A 264 4.00 -27.45 6.89
C CYS A 264 2.53 -27.79 6.73
N SER A 265 2.14 -28.10 5.51
CA SER A 265 0.76 -28.47 5.26
C SER A 265 0.68 -29.98 5.51
N GLY A 266 -0.34 -30.39 6.24
CA GLY A 266 -0.50 -31.82 6.51
C GLY A 266 0.18 -32.35 7.76
N SER A 267 0.73 -31.46 8.58
CA SER A 267 1.41 -31.86 9.81
C SER A 267 1.39 -30.73 10.82
N GLY A 268 1.51 -29.50 10.33
CA GLY A 268 1.52 -28.34 11.20
C GLY A 268 2.89 -28.05 11.76
N LYS A 269 3.91 -28.77 11.27
CA LYS A 269 5.26 -28.57 11.76
C LYS A 269 5.94 -27.32 11.18
N PRO A 270 6.59 -26.53 12.05
CA PRO A 270 7.30 -25.31 11.62
C PRO A 270 8.33 -25.65 10.53
N VAL A 271 8.34 -24.86 9.45
CA VAL A 271 9.27 -25.05 8.34
C VAL A 271 10.72 -24.99 8.79
N ARG A 272 10.98 -24.20 9.83
CA ARG A 272 12.34 -24.04 10.35
C ARG A 272 12.87 -25.29 11.03
N SER A 273 11.96 -26.13 11.55
CA SER A 273 12.33 -27.37 12.24
C SER A 273 12.72 -28.50 11.29
N ILE A 274 12.12 -28.49 10.09
CA ILE A 274 12.41 -29.52 9.10
C ILE A 274 13.89 -29.49 8.70
N ILE A 275 14.51 -30.67 8.64
CA ILE A 275 15.91 -30.77 8.25
C ILE A 275 16.01 -31.75 7.10
N CYS A 276 16.25 -31.26 5.90
CA CYS A 276 16.36 -32.14 4.73
C CYS A 276 17.68 -32.88 4.65
N PRO A 277 17.62 -34.20 4.48
CA PRO A 277 18.78 -35.09 4.37
C PRO A 277 19.52 -34.87 3.05
N THR A 278 20.85 -34.90 3.09
CA THR A 278 21.65 -34.73 1.88
C THR A 278 21.90 -36.10 1.24
C1 NAG B . -8.65 31.55 16.05
C2 NAG B . -7.60 32.10 17.02
C3 NAG B . -7.94 33.56 17.41
C4 NAG B . -8.35 34.44 16.21
C5 NAG B . -9.32 33.70 15.26
C6 NAG B . -9.55 34.45 13.98
C7 NAG B . -6.54 31.34 19.05
C8 NAG B . -5.31 30.49 18.74
N2 NAG B . -7.57 31.27 18.21
O3 NAG B . -6.81 34.14 18.03
O4 NAG B . -9.01 35.62 16.71
O5 NAG B . -8.77 32.42 14.91
O6 NAG B . -10.48 33.77 13.14
O7 NAG B . -6.56 32.05 20.07
C1 NAG B . -8.65 36.84 16.16
C2 NAG B . -9.71 37.88 16.50
C3 NAG B . -9.27 39.25 15.96
C4 NAG B . -7.84 39.63 16.37
C5 NAG B . -6.87 38.44 16.15
C6 NAG B . -5.50 38.66 16.75
C7 NAG B . -11.83 36.77 16.64
C8 NAG B . -12.17 35.40 16.12
N2 NAG B . -10.98 37.51 15.93
O3 NAG B . -10.18 40.24 16.41
O4 NAG B . -7.41 40.74 15.58
O5 NAG B . -7.39 37.22 16.72
O6 NAG B . -4.48 38.07 15.97
O7 NAG B . -12.32 37.18 17.69
C1 BMA B . -7.01 41.95 16.18
C2 BMA B . -8.20 42.68 16.81
C3 BMA B . -7.70 44.00 17.43
C4 BMA B . -6.51 43.75 18.37
C5 BMA B . -5.43 42.90 17.68
C6 BMA B . -4.32 42.51 18.63
O2 BMA B . -8.80 41.88 17.83
O3 BMA B . -8.76 44.62 18.13
O4 BMA B . -5.95 44.99 18.77
O5 BMA B . -6.00 41.68 17.16
O6 BMA B . -3.15 43.28 18.39
C1 NAG C . 9.09 12.07 -12.78
C2 NAG C . 8.40 12.21 -14.15
C3 NAG C . 8.30 13.71 -14.55
C4 NAG C . 7.80 14.61 -13.40
C5 NAG C . 8.48 14.27 -12.07
C6 NAG C . 7.84 15.01 -10.90
C7 NAG C . 10.39 11.88 -15.49
C8 NAG C . 10.54 12.64 -16.80
N2 NAG C . 9.16 11.48 -15.15
O3 NAG C . 7.43 13.82 -15.67
O4 NAG C . 8.07 15.97 -13.72
O5 NAG C . 8.39 12.85 -11.80
O6 NAG C . 8.23 16.37 -10.89
O7 NAG C . 11.38 11.68 -14.79
C1 FUL D . -7.82 35.67 10.49
C2 FUL D . -7.93 36.87 11.43
O2 FUL D . -9.13 36.79 12.20
C3 FUL D . -6.71 36.92 12.37
O3 FUL D . -5.55 37.24 11.63
C4 FUL D . -6.52 35.57 13.08
O4 FUL D . -5.29 35.59 13.78
C5 FUL D . -6.53 34.39 12.09
C6 FUL D . -5.31 34.31 11.20
O5 FUL D . -7.71 34.45 11.25
S SO4 E . -0.72 -19.68 11.66
O1 SO4 E . -0.16 -18.35 11.95
O2 SO4 E . -1.86 -19.56 10.73
O3 SO4 E . -1.19 -20.29 12.93
O4 SO4 E . 0.32 -20.52 11.05
S SO4 F . 1.18 18.22 -10.62
O1 SO4 F . 0.98 18.96 -9.37
O2 SO4 F . 0.38 18.82 -11.69
O3 SO4 F . 0.77 16.81 -10.43
O4 SO4 F . 2.60 18.27 -10.99
S SO4 G . -0.28 -13.64 -13.33
O1 SO4 G . -1.71 -13.53 -13.68
O2 SO4 G . 0.47 -12.56 -14.01
O3 SO4 G . 0.25 -14.94 -13.76
O4 SO4 G . -0.12 -13.50 -11.86
#